data_5HEB
#
_entry.id   5HEB
#
_cell.length_a   89.771
_cell.length_b   89.771
_cell.length_c   89.771
_cell.angle_alpha   90.00
_cell.angle_beta   90.00
_cell.angle_gamma   90.00
#
_symmetry.space_group_name_H-M   'P 41 3 2'
#
loop_
_entity.id
_entity.type
_entity.pdbx_description
1 polymer 'Disks large homolog 4'
2 polymer 'Cysteine-rich PDZ-binding protein'
3 non-polymer GLYCEROL
4 water water
#
loop_
_entity_poly.entity_id
_entity_poly.type
_entity_poly.pdbx_seq_one_letter_code
_entity_poly.pdbx_strand_id
1 'polypeptide(L)'
;GSPEFLGEEDIPREPRRIVIHRGSTGLGFNIVGGEDGEGIFISFILAGGPADLSGELRKGDQILSVNGVDLRNASHEQAA
IALKNAGQTVTIIAQYKPEEYSRFEANSRVDSSGRIVTD
;
A
2 'polypeptide(L)' TKNYKQTSV B
#
loop_
_chem_comp.id
_chem_comp.type
_chem_comp.name
_chem_comp.formula
GOL non-polymer GLYCEROL 'C3 H8 O3'
#
# COMPACT_ATOMS: atom_id res chain seq x y z
N GLY A 1 11.63 -8.17 -33.48
CA GLY A 1 11.86 -6.88 -32.85
C GLY A 1 12.36 -6.98 -31.42
N SER A 2 13.25 -6.08 -31.03
CA SER A 2 13.83 -6.08 -29.69
C SER A 2 12.76 -5.80 -28.63
N PRO A 3 12.71 -6.62 -27.56
CA PRO A 3 11.62 -6.50 -26.58
C PRO A 3 11.70 -5.25 -25.72
N GLU A 4 10.54 -4.79 -25.25
CA GLU A 4 10.43 -3.60 -24.42
C GLU A 4 9.95 -3.98 -23.02
N PHE A 5 10.89 -4.03 -22.07
CA PHE A 5 10.59 -4.49 -20.72
C PHE A 5 10.04 -3.36 -19.84
N LEU A 6 9.02 -3.69 -19.08
CA LEU A 6 8.41 -2.71 -18.19
C LEU A 6 9.30 -2.42 -17.00
N GLY A 7 10.22 -3.36 -16.71
CA GLY A 7 11.06 -3.26 -15.54
C GLY A 7 12.06 -2.12 -15.59
N GLU A 8 12.28 -1.58 -16.77
CA GLU A 8 13.20 -0.45 -16.94
C GLU A 8 12.53 0.89 -16.64
N GLU A 9 11.22 0.93 -16.77
CA GLU A 9 10.49 2.19 -16.69
C GLU A 9 10.24 2.62 -15.25
N ASP A 10 10.42 3.91 -14.99
CA ASP A 10 10.19 4.45 -13.65
C ASP A 10 8.75 4.21 -13.21
N ILE A 11 8.59 3.81 -11.95
CA ILE A 11 7.27 3.71 -11.34
C ILE A 11 6.79 5.13 -11.02
N PRO A 12 5.58 5.52 -11.48
CA PRO A 12 5.03 6.85 -11.19
C PRO A 12 4.94 7.17 -9.70
N ARG A 13 5.37 8.39 -9.34
CA ARG A 13 5.45 8.80 -7.94
C ARG A 13 4.37 9.82 -7.58
N GLU A 14 3.54 10.21 -8.53
CA GLU A 14 2.42 11.10 -8.24
C GLU A 14 1.24 10.35 -7.61
N PRO A 15 0.39 11.06 -6.86
CA PRO A 15 -0.77 10.38 -6.26
C PRO A 15 -1.76 9.88 -7.30
N ARG A 16 -2.38 8.74 -7.01
CA ARG A 16 -3.38 8.14 -7.88
C ARG A 16 -4.64 7.84 -7.10
N ARG A 17 -5.77 7.82 -7.81
CA ARG A 17 -7.03 7.36 -7.24
C ARG A 17 -7.30 5.94 -7.71
N ILE A 18 -7.61 5.07 -6.75
CA ILE A 18 -7.95 3.67 -7.00
C ILE A 18 -9.31 3.41 -6.42
N VAL A 19 -10.24 2.93 -7.23
CA VAL A 19 -11.56 2.57 -6.73
C VAL A 19 -11.69 1.07 -6.77
N ILE A 20 -11.89 0.47 -5.60
CA ILE A 20 -12.01 -0.97 -5.50
C ILE A 20 -13.42 -1.32 -5.08
N HIS A 21 -14.06 -2.20 -5.85
N HIS A 21 -14.07 -2.16 -5.88
CA HIS A 21 -15.39 -2.69 -5.54
CA HIS A 21 -15.40 -2.67 -5.55
C HIS A 21 -15.24 -4.10 -5.01
C HIS A 21 -15.23 -4.09 -5.01
N ARG A 22 -15.38 -4.25 -3.70
CA ARG A 22 -15.11 -5.53 -3.04
C ARG A 22 -16.28 -6.11 -2.26
N GLY A 23 -17.46 -5.51 -2.39
CA GLY A 23 -18.62 -6.05 -1.69
C GLY A 23 -18.34 -6.21 -0.20
N SER A 24 -18.56 -7.42 0.32
CA SER A 24 -18.29 -7.70 1.73
C SER A 24 -17.18 -8.73 1.91
N THR A 25 -16.08 -8.51 1.21
N THR A 25 -16.08 -8.56 1.19
CA THR A 25 -14.89 -9.33 1.31
CA THR A 25 -14.88 -9.36 1.44
C THR A 25 -13.69 -8.43 1.65
C THR A 25 -13.71 -8.43 1.71
N GLY A 26 -12.60 -9.01 2.13
CA GLY A 26 -11.41 -8.24 2.45
C GLY A 26 -10.83 -7.59 1.21
N LEU A 27 -10.06 -6.53 1.41
CA LEU A 27 -9.42 -5.82 0.31
C LEU A 27 -8.28 -6.61 -0.30
N GLY A 28 -7.64 -7.45 0.52
CA GLY A 28 -6.56 -8.29 0.03
C GLY A 28 -5.19 -7.62 0.01
N PHE A 29 -4.92 -6.83 1.04
CA PHE A 29 -3.54 -6.39 1.25
C PHE A 29 -3.23 -6.18 2.73
N ASN A 30 -1.93 -6.09 3.02
N ASN A 30 -1.94 -6.07 3.03
CA ASN A 30 -1.43 -5.80 4.37
CA ASN A 30 -1.47 -5.86 4.40
C ASN A 30 -1.03 -4.36 4.49
C ASN A 30 -0.94 -4.44 4.54
N ILE A 31 -1.14 -3.83 5.70
CA ILE A 31 -0.59 -2.51 5.99
C ILE A 31 0.44 -2.58 7.11
N VAL A 32 1.44 -1.71 6.98
N VAL A 32 1.43 -1.70 7.01
CA VAL A 32 2.41 -1.46 8.03
CA VAL A 32 2.41 -1.49 8.06
C VAL A 32 2.44 0.05 8.27
C VAL A 32 2.52 0.02 8.24
N GLY A 33 2.95 0.45 9.43
CA GLY A 33 3.09 1.86 9.74
C GLY A 33 2.05 2.36 10.70
N GLY A 34 2.01 3.68 10.87
N GLY A 34 1.98 3.68 10.88
CA GLY A 34 1.05 4.34 11.73
CA GLY A 34 1.01 4.26 11.78
C GLY A 34 1.65 4.75 13.06
C GLY A 34 1.49 4.28 13.22
N GLU A 35 2.80 4.18 13.38
CA GLU A 35 3.45 4.40 14.67
C GLU A 35 4.52 5.46 14.43
N ASP A 36 4.35 6.62 15.07
CA ASP A 36 5.22 7.75 14.80
C ASP A 36 4.68 8.67 13.72
N GLY A 37 3.47 8.41 13.25
CA GLY A 37 2.90 9.23 12.20
C GLY A 37 3.77 9.13 10.96
N GLU A 38 4.42 7.98 10.81
CA GLU A 38 5.22 7.67 9.64
C GLU A 38 4.39 7.60 8.36
N GLY A 39 3.14 7.19 8.50
CA GLY A 39 2.27 6.93 7.36
C GLY A 39 1.88 5.47 7.34
N ILE A 40 0.88 5.14 6.52
CA ILE A 40 0.34 3.80 6.36
C ILE A 40 0.77 3.28 4.99
N PHE A 41 1.46 2.15 4.95
CA PHE A 41 2.03 1.62 3.70
C PHE A 41 1.54 0.20 3.42
N ILE A 42 1.39 -0.12 2.14
CA ILE A 42 1.08 -1.47 1.72
C ILE A 42 2.37 -2.29 1.77
N SER A 43 2.34 -3.40 2.50
CA SER A 43 3.49 -4.29 2.60
C SER A 43 3.37 -5.59 1.82
N PHE A 44 2.18 -5.86 1.29
CA PHE A 44 1.86 -7.16 0.70
C PHE A 44 0.51 -7.07 0.00
N ILE A 45 0.46 -7.58 -1.24
N ILE A 45 0.45 -7.59 -1.23
CA ILE A 45 -0.79 -7.69 -1.99
CA ILE A 45 -0.83 -7.70 -1.94
C ILE A 45 -1.11 -9.17 -2.17
C ILE A 45 -1.12 -9.16 -2.18
N LEU A 46 -2.32 -9.57 -1.77
CA LEU A 46 -2.74 -10.96 -1.86
C LEU A 46 -3.09 -11.35 -3.28
N ALA A 47 -2.51 -12.43 -3.77
CA ALA A 47 -2.84 -12.94 -5.09
C ALA A 47 -4.33 -13.23 -5.18
N GLY A 48 -5.00 -12.64 -6.18
CA GLY A 48 -6.39 -12.97 -6.44
C GLY A 48 -7.41 -12.15 -5.67
N GLY A 49 -6.92 -11.32 -4.76
CA GLY A 49 -7.80 -10.50 -3.94
C GLY A 49 -8.23 -9.24 -4.68
N PRO A 50 -9.18 -8.49 -4.11
CA PRO A 50 -9.68 -7.31 -4.83
C PRO A 50 -8.58 -6.29 -5.17
N ALA A 51 -7.63 -6.06 -4.27
CA ALA A 51 -6.55 -5.11 -4.57
C ALA A 51 -5.69 -5.60 -5.73
N ASP A 52 -5.41 -6.90 -5.78
CA ASP A 52 -4.68 -7.48 -6.90
C ASP A 52 -5.45 -7.27 -8.20
N LEU A 53 -6.74 -7.58 -8.17
CA LEU A 53 -7.55 -7.53 -9.37
C LEU A 53 -7.63 -6.10 -9.93
N SER A 54 -7.48 -5.09 -9.06
CA SER A 54 -7.50 -3.69 -9.51
C SER A 54 -6.30 -3.39 -10.41
N GLY A 55 -5.18 -4.05 -10.13
CA GLY A 55 -3.95 -3.84 -10.87
C GLY A 55 -3.31 -2.49 -10.63
N GLU A 56 -3.76 -1.77 -9.60
CA GLU A 56 -3.38 -0.37 -9.44
C GLU A 56 -2.74 -0.03 -8.10
N LEU A 57 -2.45 -1.05 -7.30
CA LEU A 57 -1.77 -0.89 -6.01
C LEU A 57 -0.56 -1.79 -5.96
N ARG A 58 0.45 -1.39 -5.20
N ARG A 58 0.48 -1.36 -5.26
CA ARG A 58 1.62 -2.24 -5.01
CA ARG A 58 1.67 -2.20 -5.10
C ARG A 58 2.27 -2.04 -3.65
C ARG A 58 2.31 -2.02 -3.73
N LYS A 59 3.09 -3.00 -3.25
N LYS A 59 3.13 -2.99 -3.33
CA LYS A 59 3.90 -2.87 -2.06
CA LYS A 59 3.94 -2.86 -2.13
C LYS A 59 4.73 -1.60 -2.19
C LYS A 59 4.73 -1.56 -2.22
N GLY A 60 4.73 -0.79 -1.14
CA GLY A 60 5.46 0.47 -1.12
C GLY A 60 4.61 1.69 -1.34
N ASP A 61 3.36 1.47 -1.76
CA ASP A 61 2.38 2.53 -1.83
C ASP A 61 2.01 3.01 -0.42
N GLN A 62 2.00 4.32 -0.23
CA GLN A 62 1.40 4.91 0.95
C GLN A 62 -0.07 5.16 0.69
N ILE A 63 -0.91 4.79 1.66
N ILE A 63 -0.91 4.80 1.64
CA ILE A 63 -2.33 5.09 1.61
CA ILE A 63 -2.33 5.10 1.57
C ILE A 63 -2.55 6.49 2.16
C ILE A 63 -2.55 6.49 2.15
N LEU A 64 -2.87 7.45 1.28
CA LEU A 64 -3.05 8.83 1.71
C LEU A 64 -4.43 9.04 2.30
N SER A 65 -5.44 8.39 1.71
CA SER A 65 -6.80 8.51 2.20
C SER A 65 -7.67 7.34 1.75
N VAL A 66 -8.75 7.10 2.48
N VAL A 66 -8.77 7.15 2.47
CA VAL A 66 -9.75 6.13 2.08
CA VAL A 66 -9.77 6.13 2.14
C VAL A 66 -11.11 6.79 2.18
C VAL A 66 -11.14 6.79 2.21
N ASN A 67 -11.85 6.81 1.08
CA ASN A 67 -13.16 7.45 1.01
C ASN A 67 -13.12 8.86 1.59
N GLY A 68 -12.04 9.58 1.28
CA GLY A 68 -11.91 10.97 1.68
C GLY A 68 -11.39 11.17 3.09
N VAL A 69 -11.21 10.07 3.82
CA VAL A 69 -10.67 10.13 5.16
C VAL A 69 -9.14 10.10 5.09
N ASP A 70 -8.51 11.20 5.51
CA ASP A 70 -7.05 11.38 5.45
C ASP A 70 -6.33 10.43 6.43
N LEU A 71 -5.46 9.56 5.90
CA LEU A 71 -4.73 8.60 6.73
C LEU A 71 -3.23 8.89 6.78
N ARG A 72 -2.82 10.04 6.27
CA ARG A 72 -1.40 10.36 6.28
C ARG A 72 -0.82 10.32 7.69
N ASN A 73 -1.62 10.70 8.67
CA ASN A 73 -1.14 10.76 10.06
C ASN A 73 -1.92 9.81 10.96
N ALA A 74 -2.50 8.77 10.36
CA ALA A 74 -3.27 7.79 11.11
C ALA A 74 -2.43 6.90 12.01
N SER A 75 -3.04 6.44 13.09
CA SER A 75 -2.47 5.37 13.90
C SER A 75 -2.75 4.04 13.20
N HIS A 76 -1.99 3.02 13.55
CA HIS A 76 -2.09 1.75 12.83
C HIS A 76 -3.48 1.12 12.93
N GLU A 77 -3.97 1.00 14.15
N GLU A 77 -4.00 0.93 14.14
CA GLU A 77 -5.24 0.33 14.41
CA GLU A 77 -5.29 0.26 14.26
C GLU A 77 -6.42 1.09 13.78
C GLU A 77 -6.41 1.11 13.65
N GLN A 78 -6.39 2.42 13.86
CA GLN A 78 -7.45 3.24 13.26
C GLN A 78 -7.41 3.19 11.74
N ALA A 79 -6.22 3.09 11.15
CA ALA A 79 -6.12 2.93 9.70
C ALA A 79 -6.79 1.63 9.28
N ALA A 80 -6.50 0.56 10.01
CA ALA A 80 -7.06 -0.74 9.70
C ALA A 80 -8.58 -0.69 9.82
N ILE A 81 -9.05 -0.04 10.87
CA ILE A 81 -10.49 0.10 11.07
C ILE A 81 -11.11 0.89 9.93
N ALA A 82 -10.46 1.99 9.52
CA ALA A 82 -10.97 2.81 8.42
C ALA A 82 -11.13 1.99 7.14
N LEU A 83 -10.12 1.18 6.85
CA LEU A 83 -10.11 0.33 5.66
C LEU A 83 -11.17 -0.77 5.75
N LYS A 84 -11.20 -1.48 6.87
CA LYS A 84 -12.13 -2.59 7.03
C LYS A 84 -13.59 -2.13 7.03
N ASN A 85 -13.84 -0.90 7.49
CA ASN A 85 -15.20 -0.39 7.60
C ASN A 85 -15.57 0.59 6.49
N ALA A 86 -14.78 0.62 5.43
CA ALA A 86 -14.93 1.65 4.40
C ALA A 86 -16.15 1.42 3.51
N GLY A 87 -16.75 0.23 3.61
CA GLY A 87 -17.91 -0.07 2.78
C GLY A 87 -17.53 -0.86 1.54
N GLN A 88 -18.50 -1.13 0.70
CA GLN A 88 -18.31 -2.03 -0.44
C GLN A 88 -17.46 -1.37 -1.53
N THR A 89 -17.64 -0.07 -1.71
CA THR A 89 -16.84 0.70 -2.65
C THR A 89 -15.78 1.49 -1.90
N VAL A 90 -14.53 1.20 -2.20
CA VAL A 90 -13.42 1.75 -1.45
C VAL A 90 -12.57 2.62 -2.35
N THR A 91 -12.57 3.93 -2.10
CA THR A 91 -11.81 4.88 -2.92
C THR A 91 -10.52 5.24 -2.19
N ILE A 92 -9.41 4.74 -2.70
CA ILE A 92 -8.11 4.97 -2.09
C ILE A 92 -7.34 5.98 -2.92
N ILE A 93 -6.73 6.95 -2.24
N ILE A 93 -6.71 6.93 -2.24
CA ILE A 93 -5.69 7.77 -2.83
CA ILE A 93 -5.70 7.76 -2.88
C ILE A 93 -4.38 7.19 -2.34
C ILE A 93 -4.36 7.26 -2.36
N ALA A 94 -3.52 6.78 -3.28
CA ALA A 94 -2.26 6.17 -2.92
C ALA A 94 -1.12 6.89 -3.62
N GLN A 95 0.06 6.80 -3.02
CA GLN A 95 1.24 7.42 -3.60
C GLN A 95 2.44 6.53 -3.31
N TYR A 96 3.22 6.24 -4.34
CA TYR A 96 4.34 5.32 -4.24
C TYR A 96 5.53 5.96 -3.52
N LYS A 97 5.93 5.38 -2.40
CA LYS A 97 6.95 5.94 -1.52
C LYS A 97 7.93 4.84 -1.09
N PRO A 98 8.70 4.32 -2.06
CA PRO A 98 9.50 3.12 -1.78
C PRO A 98 10.63 3.35 -0.79
N GLU A 99 11.18 4.56 -0.78
CA GLU A 99 12.27 4.84 0.15
C GLU A 99 11.77 4.76 1.58
N GLU A 100 10.63 5.40 1.86
N GLU A 100 10.62 5.38 1.85
CA GLU A 100 10.03 5.34 3.19
CA GLU A 100 10.05 5.36 3.19
C GLU A 100 9.66 3.91 3.54
C GLU A 100 9.61 3.93 3.56
N TYR A 101 9.09 3.20 2.58
CA TYR A 101 8.64 1.84 2.82
C TYR A 101 9.81 0.93 3.17
N SER A 102 10.94 1.15 2.50
N SER A 102 10.94 1.15 2.51
CA SER A 102 12.08 0.25 2.61
CA SER A 102 12.10 0.28 2.67
C SER A 102 12.63 0.15 4.04
C SER A 102 12.60 0.18 4.12
N ARG A 103 12.30 1.13 4.88
N ARG A 103 12.30 1.20 4.93
CA ARG A 103 12.76 1.12 6.27
CA ARG A 103 12.69 1.19 6.33
C ARG A 103 12.07 0.03 7.09
C ARG A 103 12.05 0.05 7.10
N PHE A 104 10.91 -0.43 6.63
CA PHE A 104 10.13 -1.43 7.35
C PHE A 104 10.62 -2.85 7.11
N GLU A 105 11.04 -3.13 5.87
CA GLU A 105 11.30 -4.50 5.47
C GLU A 105 12.81 -4.77 5.47
N ALA A 106 13.21 -5.85 6.10
CA ALA A 106 14.62 -6.19 6.24
C ALA A 106 15.34 -6.29 4.89
N ASN A 107 16.56 -5.75 4.86
CA ASN A 107 17.45 -5.88 3.70
C ASN A 107 16.84 -5.34 2.43
N SER A 108 15.99 -4.34 2.55
N SER A 108 16.03 -4.30 2.54
CA SER A 108 15.33 -3.75 1.39
CA SER A 108 15.35 -3.75 1.37
C SER A 108 16.06 -2.48 0.95
C SER A 108 15.87 -2.38 0.99
N ARG A 109 15.85 -2.12 -0.31
CA ARG A 109 16.40 -0.90 -0.86
C ARG A 109 15.66 -0.60 -2.14
N VAL A 110 15.93 0.57 -2.71
CA VAL A 110 15.25 1.02 -3.91
C VAL A 110 16.26 1.11 -5.06
N ASP A 111 15.93 0.52 -6.20
CA ASP A 111 16.84 0.59 -7.36
C ASP A 111 16.52 1.81 -8.24
N SER A 112 17.19 1.93 -9.38
CA SER A 112 17.17 3.16 -10.16
C SER A 112 15.82 3.45 -10.81
N SER A 113 15.00 2.42 -11.00
CA SER A 113 13.65 2.61 -11.55
C SER A 113 12.63 2.86 -10.45
N GLY A 114 13.08 2.81 -9.19
CA GLY A 114 12.18 2.98 -8.06
C GLY A 114 11.62 1.68 -7.53
N ARG A 115 12.08 0.56 -8.06
CA ARG A 115 11.58 -0.73 -7.59
C ARG A 115 12.23 -1.12 -6.26
N ILE A 116 11.44 -1.74 -5.40
CA ILE A 116 11.94 -2.21 -4.11
C ILE A 116 12.60 -3.55 -4.29
N VAL A 117 13.87 -3.62 -3.92
CA VAL A 117 14.68 -4.84 -4.00
C VAL A 117 14.99 -5.31 -2.60
N THR A 118 14.81 -6.60 -2.36
CA THR A 118 15.16 -7.21 -1.09
C THR A 118 16.27 -8.21 -1.33
N ASP A 119 17.37 -8.04 -0.61
CA ASP A 119 18.54 -8.88 -0.81
C ASP A 119 18.50 -10.10 0.11
N ASN B 3 8.91 0.67 14.78
CA ASN B 3 8.02 -0.02 13.85
C ASN B 3 7.94 -1.51 14.15
N TYR B 4 6.73 -2.06 14.06
CA TYR B 4 6.52 -3.48 14.24
C TYR B 4 5.07 -3.86 13.75
N LYS B 5 3.88 -3.19 13.80
N LYS B 5 3.89 -3.19 13.77
CA LYS B 5 2.54 -3.78 13.65
CA LYS B 5 2.55 -3.79 13.64
C LYS B 5 2.23 -4.06 12.18
C LYS B 5 2.23 -4.08 12.18
N GLN B 6 1.49 -5.13 11.94
N GLN B 6 1.50 -5.16 11.93
CA GLN B 6 1.03 -5.41 10.58
CA GLN B 6 0.99 -5.43 10.59
C GLN B 6 -0.36 -6.06 10.58
C GLN B 6 -0.40 -6.02 10.64
N THR B 7 -1.24 -5.54 9.73
CA THR B 7 -2.62 -5.98 9.71
C THR B 7 -3.10 -6.28 8.29
N SER B 8 -3.79 -7.40 8.13
N SER B 8 -3.78 -7.41 8.13
CA SER B 8 -4.39 -7.73 6.84
CA SER B 8 -4.43 -7.74 6.88
C SER B 8 -5.78 -7.11 6.77
C SER B 8 -5.77 -7.03 6.81
N VAL B 9 -6.07 -6.43 5.66
CA VAL B 9 -7.35 -5.75 5.46
C VAL B 9 -8.01 -6.21 4.16
C1 GOL C . 15.12 -9.88 4.63
O1 GOL C . 13.82 -9.53 4.19
C2 GOL C . 15.54 -11.23 4.08
O2 GOL C . 15.98 -11.10 2.74
C3 GOL C . 16.67 -11.80 4.93
O3 GOL C . 16.99 -13.11 4.50
H11 GOL C . 15.13 -9.92 5.72
H12 GOL C . 15.83 -9.12 4.32
HO1 GOL C . 13.55 -8.69 4.61
H2 GOL C . 14.70 -11.92 4.12
HO2 GOL C . 16.75 -10.50 2.70
H31 GOL C . 17.56 -11.16 4.85
H32 GOL C . 16.37 -11.82 5.97
HO3 GOL C . 17.07 -13.12 3.52
C1 GOL D . -10.75 -8.56 6.77
O1 GOL D . -11.30 -9.21 5.64
C2 GOL D . -9.54 -9.36 7.22
O2 GOL D . -9.96 -10.61 7.71
C3 GOL D . -8.59 -9.57 6.04
O3 GOL D . -7.51 -10.38 6.43
H11 GOL D . -10.44 -7.54 6.50
H12 GOL D . -11.48 -8.51 7.57
HO1 GOL D . -12.13 -8.75 5.38
H2 GOL D . -9.01 -8.81 8.01
HO2 GOL D . -10.42 -11.10 7.00
H31 GOL D . -8.22 -8.60 5.70
H32 GOL D . -9.12 -10.04 5.22
HO3 GOL D . -7.09 -10.78 5.64
#